data_6IJR
#
_entry.id   6IJR
#
_cell.length_a   62.359
_cell.length_b   62.451
_cell.length_c   162.161
_cell.angle_alpha   90.00
_cell.angle_beta   90.00
_cell.angle_gamma   90.00
#
_symmetry.space_group_name_H-M   'P 21 21 21'
#
loop_
_entity.id
_entity.type
_entity.pdbx_description
1 polymer 'Peroxisome proliferator-activated receptor gamma'
2 polymer '16 mer peptide from Nuclear receptor coactivator 1'
3 non-polymer N-{[3-({[(1S,2R)-2-{[(2E)-2-cyano-4,4-dimethylpent-2-enoyl]amino}cyclopentyl]oxy}methyl)phenyl]methyl}-4-[(4-methylpiperazin-1-yl)methyl]benzamide
4 water water
#
loop_
_entity_poly.entity_id
_entity_poly.type
_entity_poly.pdbx_seq_one_letter_code
_entity_poly.pdbx_strand_id
1 'polypeptide(L)'
;AEISSDIDQLNPESADLRALAKHLYDSYIKSFPLTKAKARAILTGKTTDKSPFVIYDMNSLMMGEDKIKFKHITPLQEQS
KEVAIRIFQGCQFRSVEAVQEITEYAKSIPGFVNLDLNDQVTLLKYGVHEIIYTMLASLMNKDGVLISEGQGFMTREFLK
SLRKPFGDFMEPKFEFAVKFNALELDDSDLAIFIAVIILSGDRPGLLNVKPIEDIQDNLLQALELQLKLNHPESSQLFAK
LLQKMTDLRQIVTEHVQLLQVIKKTETDMSLHPLLQEIYKDLY
;
A,C
2 'polypeptide(L)' ERHKILHRLLQEGSPS B,D
#
# COMPACT_ATOMS: atom_id res chain seq x y z
N ILE A 3 21.67 -2.04 25.50
CA ILE A 3 22.51 -1.26 24.53
C ILE A 3 23.54 -2.14 23.78
N SER A 4 24.17 -3.11 24.45
CA SER A 4 24.93 -4.17 23.75
C SER A 4 24.09 -4.86 22.67
N SER A 5 22.78 -5.03 22.91
CA SER A 5 21.82 -5.51 21.90
C SER A 5 21.56 -4.44 20.83
N ASP A 6 21.40 -3.20 21.28
CA ASP A 6 21.20 -2.02 20.40
C ASP A 6 22.36 -1.80 19.42
N ILE A 7 23.56 -2.01 19.92
CA ILE A 7 24.79 -1.85 19.15
C ILE A 7 25.05 -3.04 18.18
N ASP A 8 24.18 -4.05 18.16
CA ASP A 8 24.14 -5.01 17.05
C ASP A 8 23.46 -4.39 15.81
N GLN A 9 24.13 -3.36 15.27
CA GLN A 9 23.78 -2.67 14.03
C GLN A 9 24.50 -3.31 12.83
N LEU A 10 25.29 -4.34 13.13
CA LEU A 10 26.06 -5.06 12.12
C LEU A 10 25.20 -5.90 11.17
N ASN A 11 25.83 -6.27 10.07
CA ASN A 11 25.18 -6.97 8.96
C ASN A 11 25.16 -8.47 9.25
N PRO A 12 24.17 -9.22 8.72
CA PRO A 12 24.04 -10.64 9.11
C PRO A 12 25.22 -11.48 8.65
N GLU A 13 25.38 -12.66 9.25
CA GLU A 13 26.53 -13.49 8.93
C GLU A 13 26.36 -14.13 7.53
N SER A 14 27.49 -14.16 6.83
CA SER A 14 27.63 -14.72 5.50
C SER A 14 26.94 -16.09 5.32
N ALA A 15 27.17 -17.00 6.27
CA ALA A 15 26.50 -18.31 6.30
C ALA A 15 24.98 -18.24 6.10
N ASP A 16 24.33 -17.29 6.77
CA ASP A 16 22.88 -17.08 6.58
C ASP A 16 22.56 -16.56 5.16
N LEU A 17 23.40 -15.66 4.66
CA LEU A 17 23.27 -15.12 3.30
C LEU A 17 23.47 -16.15 2.19
N ARG A 18 24.46 -17.03 2.37
CA ARG A 18 24.74 -18.08 1.40
C ARG A 18 23.58 -19.04 1.33
N ALA A 19 22.98 -19.33 2.48
CA ALA A 19 21.76 -20.15 2.54
C ALA A 19 20.63 -19.51 1.75
N LEU A 20 20.46 -18.19 1.94
CA LEU A 20 19.50 -17.38 1.19
C LEU A 20 19.81 -17.42 -0.30
N ALA A 21 21.08 -17.25 -0.65
CA ALA A 21 21.50 -17.39 -2.05
C ALA A 21 21.11 -18.76 -2.64
N LYS A 22 21.51 -19.83 -1.96
CA LYS A 22 21.17 -21.19 -2.41
C LYS A 22 19.66 -21.41 -2.47
N HIS A 23 18.92 -20.91 -1.49
CA HIS A 23 17.49 -21.13 -1.46
C HIS A 23 16.83 -20.52 -2.69
N LEU A 24 17.26 -19.30 -2.99
CA LEU A 24 16.79 -18.53 -4.14
C LEU A 24 17.15 -19.18 -5.46
N TYR A 25 18.38 -19.65 -5.56
CA TYR A 25 18.86 -20.34 -6.74
C TYR A 25 17.98 -21.53 -7.11
N ASP A 26 17.64 -22.38 -6.14
CA ASP A 26 16.86 -23.61 -6.39
C ASP A 26 15.51 -23.28 -6.98
N SER A 27 14.87 -22.27 -6.39
CA SER A 27 13.58 -21.77 -6.89
C SER A 27 13.71 -21.41 -8.34
N TYR A 28 14.74 -20.61 -8.62
CA TYR A 28 15.09 -20.15 -9.95
C TYR A 28 15.24 -21.28 -10.99
N ILE A 29 15.98 -22.33 -10.63
CA ILE A 29 16.17 -23.52 -11.47
C ILE A 29 14.84 -24.24 -11.70
N LYS A 30 14.12 -24.48 -10.61
CA LYS A 30 12.78 -25.09 -10.65
C LYS A 30 11.77 -24.25 -11.41
N SER A 31 11.79 -22.94 -11.14
CA SER A 31 10.76 -22.03 -11.62
C SER A 31 10.80 -21.75 -13.12
N PHE A 32 11.99 -21.76 -13.72
CA PHE A 32 12.20 -21.28 -15.10
C PHE A 32 12.62 -22.38 -16.08
N PRO A 33 12.19 -22.25 -17.35
CA PRO A 33 12.52 -23.27 -18.35
C PRO A 33 13.97 -23.19 -18.83
N LEU A 34 14.46 -21.99 -19.14
CA LEU A 34 15.78 -21.83 -19.77
C LEU A 34 16.72 -21.09 -18.84
N THR A 35 17.80 -21.75 -18.50
CA THR A 35 18.86 -21.14 -17.72
C THR A 35 19.80 -20.45 -18.71
N LYS A 36 20.58 -19.49 -18.22
CA LYS A 36 21.66 -18.92 -19.02
C LYS A 36 22.63 -20.02 -19.37
N ALA A 37 23.02 -20.85 -18.39
CA ALA A 37 23.97 -21.94 -18.61
C ALA A 37 23.58 -22.77 -19.80
N LYS A 38 22.30 -23.14 -19.82
CA LYS A 38 21.71 -23.83 -20.96
C LYS A 38 21.79 -22.99 -22.23
N ALA A 39 21.20 -21.79 -22.21
CA ALA A 39 21.19 -20.91 -23.39
C ALA A 39 22.58 -20.73 -23.99
N ARG A 40 23.57 -20.56 -23.12
CA ARG A 40 24.96 -20.39 -23.54
C ARG A 40 25.51 -21.60 -24.28
N ALA A 41 25.15 -22.79 -23.80
CA ALA A 41 25.57 -24.03 -24.43
C ALA A 41 25.19 -24.04 -25.89
N ILE A 42 23.94 -23.65 -26.16
CA ILE A 42 23.40 -23.63 -27.51
C ILE A 42 24.13 -22.58 -28.34
N LEU A 43 24.17 -21.37 -27.81
CA LEU A 43 24.79 -20.25 -28.53
C LEU A 43 26.26 -20.40 -28.84
N THR A 44 27.03 -21.03 -27.96
CA THR A 44 28.45 -21.23 -28.23
C THR A 44 28.67 -22.54 -29.00
N GLY A 45 27.60 -23.34 -29.12
CA GLY A 45 27.63 -24.59 -29.87
C GLY A 45 28.14 -25.78 -29.09
N LYS A 46 28.46 -25.57 -27.80
CA LYS A 46 28.95 -26.62 -26.91
C LYS A 46 27.75 -27.43 -26.39
N THR A 47 27.19 -28.25 -27.28
CA THR A 47 26.02 -29.04 -26.98
C THR A 47 25.85 -30.03 -28.12
N THR A 48 25.41 -31.24 -27.79
CA THR A 48 25.00 -32.22 -28.79
C THR A 48 23.52 -32.03 -29.16
N ASP A 49 22.86 -31.13 -28.42
CA ASP A 49 21.48 -30.73 -28.66
C ASP A 49 21.33 -30.24 -30.08
N LYS A 50 20.17 -30.50 -30.68
CA LYS A 50 19.90 -30.12 -32.07
C LYS A 50 20.19 -28.63 -32.18
N SER A 51 20.94 -28.24 -33.21
CA SER A 51 21.22 -26.82 -33.46
C SER A 51 19.90 -26.08 -33.63
N PRO A 52 19.92 -24.73 -33.49
CA PRO A 52 18.67 -24.02 -33.67
C PRO A 52 18.58 -23.38 -35.06
N PHE A 53 17.33 -23.26 -35.54
CA PHE A 53 17.06 -22.81 -36.88
C PHE A 53 17.19 -21.32 -37.00
N VAL A 54 18.15 -20.89 -37.82
CA VAL A 54 18.47 -19.47 -37.96
C VAL A 54 17.52 -18.79 -38.93
N ILE A 55 16.76 -17.82 -38.43
CA ILE A 55 15.93 -16.97 -39.27
C ILE A 55 16.64 -15.65 -39.53
N TYR A 56 17.10 -15.46 -40.77
CA TYR A 56 17.81 -14.24 -41.16
C TYR A 56 17.10 -13.40 -42.23
N ASP A 57 15.98 -13.89 -42.78
CA ASP A 57 15.25 -13.19 -43.84
C ASP A 57 13.88 -13.83 -44.01
N MET A 58 13.20 -13.57 -45.12
CA MET A 58 11.87 -14.13 -45.36
C MET A 58 11.89 -15.59 -45.76
N ASN A 59 12.85 -15.98 -46.59
CA ASN A 59 13.02 -17.36 -47.02
C ASN A 59 13.18 -18.26 -45.82
N SER A 60 14.12 -17.90 -44.94
CA SER A 60 14.34 -18.57 -43.66
C SER A 60 13.10 -18.57 -42.77
N LEU A 61 12.46 -17.42 -42.69
CA LEU A 61 11.28 -17.30 -41.87
C LEU A 61 10.18 -18.22 -42.36
N MET A 62 9.99 -18.25 -43.67
CA MET A 62 8.91 -19.03 -44.27
C MET A 62 9.19 -20.53 -44.16
N MET A 63 10.45 -20.93 -44.36
CA MET A 63 10.86 -22.32 -44.14
C MET A 63 10.63 -22.76 -42.68
N GLY A 64 10.88 -21.86 -41.75
CA GLY A 64 10.59 -22.10 -40.33
C GLY A 64 9.11 -22.31 -40.08
N GLU A 65 8.31 -21.40 -40.60
CA GLU A 65 6.86 -21.44 -40.41
C GLU A 65 6.25 -22.65 -41.08
N ASP A 66 6.74 -22.92 -42.28
CA ASP A 66 6.25 -24.02 -43.08
C ASP A 66 6.78 -25.36 -42.56
N LYS A 67 8.10 -25.54 -42.63
CA LYS A 67 8.74 -26.86 -42.52
C LYS A 67 9.35 -27.27 -41.18
N ILE A 68 9.77 -26.30 -40.37
CA ILE A 68 10.43 -26.60 -39.08
C ILE A 68 9.41 -26.72 -37.94
N LYS A 69 9.65 -27.67 -37.04
CA LYS A 69 8.79 -27.91 -35.87
C LYS A 69 9.14 -26.93 -34.76
N PHE A 70 8.15 -26.19 -34.27
CA PHE A 70 8.41 -25.29 -33.16
C PHE A 70 7.48 -25.53 -31.97
N LYS A 71 8.08 -25.60 -30.78
CA LYS A 71 7.34 -25.81 -29.54
C LYS A 71 6.55 -24.57 -29.15
N HIS A 72 7.03 -23.41 -29.59
CA HIS A 72 6.37 -22.12 -29.38
C HIS A 72 6.01 -21.58 -30.74
N ILE A 73 4.75 -21.21 -30.91
CA ILE A 73 4.26 -20.82 -32.20
C ILE A 73 3.51 -19.49 -32.08
N THR A 74 3.38 -18.83 -33.23
CA THR A 74 2.48 -17.70 -33.41
C THR A 74 1.05 -18.14 -33.10
N PRO A 75 0.23 -17.28 -32.46
CA PRO A 75 -1.15 -17.72 -32.25
C PRO A 75 -1.76 -18.21 -33.57
N LEU A 76 -2.42 -19.37 -33.52
CA LEU A 76 -2.99 -20.00 -34.71
C LEU A 76 -3.89 -19.06 -35.52
N GLN A 77 -4.72 -18.31 -34.81
CA GLN A 77 -5.58 -17.28 -35.42
C GLN A 77 -4.75 -16.23 -36.15
N GLU A 78 -3.67 -15.82 -35.49
CA GLU A 78 -2.79 -14.76 -35.98
C GLU A 78 -1.88 -15.14 -37.16
N GLN A 79 -1.73 -16.45 -37.46
CA GLN A 79 -0.93 -16.96 -38.61
C GLN A 79 -1.33 -16.37 -39.98
N SER A 80 -2.59 -15.96 -40.13
CA SER A 80 -3.08 -15.25 -41.33
C SER A 80 -2.39 -13.91 -41.62
N LYS A 81 -1.78 -13.30 -40.59
CA LYS A 81 -1.39 -11.90 -40.60
C LYS A 81 -0.10 -11.58 -41.29
N GLU A 82 0.14 -10.28 -41.46
CA GLU A 82 1.40 -9.72 -41.93
C GLU A 82 2.58 -10.28 -41.13
N VAL A 83 3.71 -10.49 -41.81
CA VAL A 83 4.95 -10.99 -41.21
C VAL A 83 5.33 -10.40 -39.85
N ALA A 84 5.25 -9.08 -39.74
CA ALA A 84 5.73 -8.34 -38.55
C ALA A 84 4.81 -8.56 -37.38
N ILE A 85 3.52 -8.80 -37.65
CA ILE A 85 2.52 -9.06 -36.61
C ILE A 85 2.71 -10.45 -36.02
N ARG A 86 2.79 -11.46 -36.87
CA ARG A 86 2.91 -12.86 -36.42
C ARG A 86 4.10 -13.09 -35.50
N ILE A 87 5.28 -12.69 -35.97
CA ILE A 87 6.51 -12.81 -35.21
C ILE A 87 6.31 -12.26 -33.79
N PHE A 88 5.77 -11.04 -33.72
CA PHE A 88 5.53 -10.32 -32.46
C PHE A 88 4.42 -10.89 -31.59
N GLN A 89 3.39 -11.43 -32.23
CA GLN A 89 2.32 -12.14 -31.52
C GLN A 89 2.88 -13.36 -30.78
N GLY A 90 3.78 -14.07 -31.44
CA GLY A 90 4.45 -15.20 -30.84
C GLY A 90 5.29 -14.81 -29.66
N CYS A 91 5.99 -13.68 -29.79
CA CYS A 91 6.73 -13.12 -28.65
C CYS A 91 5.74 -12.84 -27.52
N GLN A 92 4.67 -12.14 -27.84
CA GLN A 92 3.65 -11.81 -26.84
C GLN A 92 3.14 -13.02 -26.06
N PHE A 93 2.98 -14.14 -26.75
CA PHE A 93 2.48 -15.34 -26.10
C PHE A 93 3.47 -15.89 -25.08
N ARG A 94 4.75 -15.93 -25.46
CA ARG A 94 5.81 -16.38 -24.56
C ARG A 94 5.97 -15.44 -23.34
N SER A 95 5.67 -14.16 -23.52
CA SER A 95 5.60 -13.19 -22.40
C SER A 95 4.56 -13.58 -21.34
N VAL A 96 3.39 -13.99 -21.78
CA VAL A 96 2.29 -14.42 -20.89
C VAL A 96 2.79 -15.48 -19.91
N GLU A 97 3.39 -16.55 -20.46
CA GLU A 97 4.00 -17.64 -19.66
C GLU A 97 5.06 -17.14 -18.68
N ALA A 98 5.90 -16.22 -19.13
CA ALA A 98 7.00 -15.69 -18.33
C ALA A 98 6.50 -15.08 -17.03
N VAL A 99 5.38 -14.37 -17.10
CA VAL A 99 4.75 -13.78 -15.91
C VAL A 99 4.40 -14.85 -14.87
N GLN A 100 3.74 -15.90 -15.32
CA GLN A 100 3.36 -17.02 -14.44
C GLN A 100 4.59 -17.57 -13.74
N GLU A 101 5.60 -17.90 -14.55
CA GLU A 101 6.88 -18.41 -14.06
C GLU A 101 7.48 -17.45 -13.03
N ILE A 102 7.53 -16.17 -13.38
CA ILE A 102 8.13 -15.14 -12.55
C ILE A 102 7.42 -15.00 -11.21
N THR A 103 6.09 -15.00 -11.26
CA THR A 103 5.26 -14.89 -10.05
C THR A 103 5.49 -16.05 -9.10
N GLU A 104 5.50 -17.26 -9.66
CA GLU A 104 5.86 -18.46 -8.91
C GLU A 104 7.20 -18.27 -8.18
N TYR A 105 8.20 -17.78 -8.91
CA TYR A 105 9.54 -17.53 -8.35
C TYR A 105 9.51 -16.58 -7.15
N ALA A 106 8.70 -15.53 -7.24
CA ALA A 106 8.62 -14.49 -6.19
C ALA A 106 8.10 -15.02 -4.87
N LYS A 107 7.16 -15.95 -4.90
CA LYS A 107 6.69 -16.62 -3.69
C LYS A 107 7.85 -17.19 -2.90
N SER A 108 8.80 -17.79 -3.61
CA SER A 108 10.00 -18.36 -3.02
C SER A 108 10.85 -17.41 -2.20
N ILE A 109 10.83 -16.12 -2.54
CA ILE A 109 11.59 -15.12 -1.81
C ILE A 109 11.13 -15.09 -0.37
N PRO A 110 12.04 -15.32 0.60
CA PRO A 110 11.70 -15.26 2.02
C PRO A 110 10.96 -14.00 2.46
N GLY A 111 9.70 -14.20 2.86
CA GLY A 111 8.84 -13.12 3.33
C GLY A 111 8.30 -12.23 2.23
N PHE A 112 8.06 -12.80 1.04
CA PHE A 112 7.31 -12.07 0.02
C PHE A 112 5.83 -12.11 0.36
N VAL A 113 5.32 -13.30 0.70
CA VAL A 113 3.87 -13.50 0.99
C VAL A 113 3.44 -12.81 2.31
N ASN A 114 4.41 -12.63 3.23
CA ASN A 114 4.19 -11.92 4.51
C ASN A 114 4.03 -10.39 4.37
N LEU A 115 4.06 -9.88 3.13
CA LEU A 115 3.77 -8.48 2.84
C LEU A 115 2.31 -8.28 2.43
N ASP A 116 1.88 -7.03 2.52
CA ASP A 116 0.52 -6.61 2.14
C ASP A 116 0.33 -6.90 0.65
N LEU A 117 -0.82 -7.47 0.26
CA LEU A 117 -1.07 -7.86 -1.15
C LEU A 117 -1.27 -6.68 -2.10
N ASN A 118 -1.66 -5.53 -1.56
CA ASN A 118 -1.74 -4.28 -2.32
C ASN A 118 -0.33 -3.84 -2.67
N ASP A 119 0.58 -3.94 -1.69
CA ASP A 119 2.03 -3.77 -1.88
C ASP A 119 2.61 -4.86 -2.77
N GLN A 120 2.32 -6.10 -2.40
CA GLN A 120 2.90 -7.30 -3.01
C GLN A 120 2.48 -7.49 -4.49
N VAL A 121 1.24 -7.15 -4.85
CA VAL A 121 0.80 -7.17 -6.25
C VAL A 121 1.43 -6.03 -7.06
N THR A 122 1.56 -4.86 -6.45
CA THR A 122 2.19 -3.71 -7.07
C THR A 122 3.63 -4.05 -7.47
N LEU A 123 4.33 -4.74 -6.56
CA LEU A 123 5.73 -5.08 -6.77
C LEU A 123 5.92 -5.83 -8.08
N LEU A 124 5.06 -6.84 -8.31
CA LEU A 124 5.05 -7.59 -9.58
C LEU A 124 4.65 -6.77 -10.79
N LYS A 125 3.68 -5.88 -10.63
CA LYS A 125 3.16 -5.11 -11.75
C LYS A 125 4.29 -4.37 -12.47
N TYR A 126 5.12 -3.71 -11.67
CA TYR A 126 6.29 -2.98 -12.15
C TYR A 126 7.52 -3.88 -12.41
N GLY A 127 7.68 -4.93 -11.60
CA GLY A 127 8.83 -5.83 -11.68
C GLY A 127 8.97 -6.73 -12.91
N VAL A 128 7.90 -7.44 -13.26
CA VAL A 128 7.93 -8.49 -14.31
C VAL A 128 8.68 -8.17 -15.60
N HIS A 129 8.40 -7.03 -16.22
CA HIS A 129 9.03 -6.70 -17.48
C HIS A 129 10.52 -6.45 -17.29
N GLU A 130 10.88 -5.73 -16.22
CA GLU A 130 12.28 -5.56 -15.86
C GLU A 130 12.95 -6.94 -15.76
N ILE A 131 12.27 -7.90 -15.15
CA ILE A 131 12.81 -9.26 -14.97
C ILE A 131 12.86 -10.02 -16.28
N ILE A 132 11.85 -9.82 -17.13
CA ILE A 132 11.80 -10.46 -18.44
C ILE A 132 12.95 -9.98 -19.31
N TYR A 133 13.14 -8.67 -19.38
CA TYR A 133 14.24 -8.13 -20.16
C TYR A 133 15.60 -8.58 -19.64
N THR A 134 15.70 -8.77 -18.32
CA THR A 134 16.91 -9.28 -17.71
C THR A 134 17.19 -10.70 -18.13
N MET A 135 16.14 -11.52 -18.20
CA MET A 135 16.31 -12.92 -18.57
C MET A 135 16.46 -13.12 -20.06
N LEU A 136 15.81 -12.28 -20.84
CA LEU A 136 15.98 -12.30 -22.30
C LEU A 136 17.42 -12.12 -22.76
N ALA A 137 18.17 -11.28 -22.06
CA ALA A 137 19.56 -11.03 -22.40
C ALA A 137 20.40 -12.27 -22.36
N SER A 138 20.06 -13.25 -21.50
CA SER A 138 20.70 -14.58 -21.50
C SER A 138 20.54 -15.30 -22.85
N LEU A 139 19.42 -15.05 -23.51
CA LEU A 139 19.12 -15.57 -24.83
C LEU A 139 19.67 -14.78 -26.01
N MET A 140 20.30 -13.63 -25.77
CA MET A 140 20.80 -12.77 -26.85
C MET A 140 22.31 -12.74 -26.98
N ASN A 141 22.74 -12.33 -28.16
CA ASN A 141 24.09 -11.88 -28.42
C ASN A 141 23.96 -10.75 -29.45
N LYS A 142 25.06 -10.26 -30.00
CA LYS A 142 25.00 -9.19 -31.01
C LYS A 142 24.27 -9.59 -32.33
N ASP A 143 24.32 -10.89 -32.68
CA ASP A 143 23.68 -11.42 -33.90
C ASP A 143 22.16 -11.53 -33.83
N GLY A 144 21.62 -11.82 -32.66
CA GLY A 144 20.17 -12.02 -32.55
C GLY A 144 19.74 -12.65 -31.24
N VAL A 145 18.57 -13.26 -31.27
CA VAL A 145 17.95 -13.83 -30.07
C VAL A 145 17.53 -15.29 -30.24
N LEU A 146 17.83 -16.13 -29.25
CA LEU A 146 17.26 -17.49 -29.16
C LEU A 146 15.75 -17.42 -28.91
N ILE A 147 15.00 -18.31 -29.54
CA ILE A 147 13.53 -18.36 -29.40
C ILE A 147 13.02 -19.80 -29.26
N SER A 148 11.83 -19.92 -28.65
CA SER A 148 11.16 -21.20 -28.47
C SER A 148 12.09 -22.23 -27.82
N GLU A 149 12.46 -22.00 -26.57
CA GLU A 149 13.33 -22.91 -25.84
C GLU A 149 14.51 -23.38 -26.70
N GLY A 150 15.19 -22.42 -27.31
CA GLY A 150 16.41 -22.66 -28.06
C GLY A 150 16.26 -23.26 -29.44
N GLN A 151 15.03 -23.49 -29.90
CA GLN A 151 14.79 -24.18 -31.18
C GLN A 151 15.09 -23.31 -32.41
N GLY A 152 14.91 -22.00 -32.26
CA GLY A 152 15.18 -21.07 -33.35
C GLY A 152 16.11 -19.98 -32.89
N PHE A 153 16.76 -19.32 -33.83
CA PHE A 153 17.52 -18.14 -33.55
C PHE A 153 17.19 -17.11 -34.60
N MET A 154 16.89 -15.89 -34.20
CA MET A 154 16.36 -14.86 -35.09
C MET A 154 17.26 -13.65 -35.08
N THR A 155 17.67 -13.19 -36.28
CA THR A 155 18.75 -12.20 -36.33
C THR A 155 18.26 -10.80 -35.99
N ARG A 156 19.14 -10.08 -35.30
CA ARG A 156 18.93 -8.70 -34.92
C ARG A 156 18.59 -7.85 -36.12
N GLU A 157 19.33 -8.11 -37.21
CA GLU A 157 19.24 -7.33 -38.42
C GLU A 157 17.97 -7.62 -39.17
N PHE A 158 17.53 -8.87 -39.13
CA PHE A 158 16.21 -9.22 -39.66
C PHE A 158 15.14 -8.42 -38.95
N LEU A 159 15.22 -8.36 -37.63
CA LEU A 159 14.21 -7.66 -36.86
C LEU A 159 14.16 -6.17 -37.15
N LYS A 160 15.33 -5.57 -37.42
CA LYS A 160 15.42 -4.18 -37.92
C LYS A 160 14.94 -3.98 -39.35
N SER A 161 14.92 -5.04 -40.15
CA SER A 161 14.37 -4.96 -41.50
C SER A 161 12.85 -5.04 -41.55
N LEU A 162 12.18 -5.15 -40.39
CA LEU A 162 10.73 -5.20 -40.37
C LEU A 162 10.23 -3.77 -40.52
N ARG A 163 8.94 -3.65 -40.79
CA ARG A 163 8.33 -2.35 -41.00
C ARG A 163 8.25 -1.54 -39.71
N LYS A 164 8.18 -0.21 -39.84
CA LYS A 164 7.90 0.71 -38.73
C LYS A 164 6.46 0.50 -38.23
N PRO A 165 6.24 0.42 -36.91
CA PRO A 165 7.24 0.73 -35.88
C PRO A 165 8.01 -0.49 -35.32
N PHE A 166 7.85 -1.67 -35.93
CA PHE A 166 8.41 -2.94 -35.41
C PHE A 166 9.90 -3.12 -35.65
N GLY A 167 10.43 -2.50 -36.70
CA GLY A 167 11.87 -2.52 -36.97
C GLY A 167 12.70 -1.97 -35.83
N ASP A 168 12.27 -0.85 -35.26
CA ASP A 168 12.97 -0.22 -34.14
C ASP A 168 12.62 -0.80 -32.77
N PHE A 169 11.60 -1.65 -32.71
CA PHE A 169 11.08 -2.22 -31.46
C PHE A 169 12.12 -2.90 -30.57
N MET A 170 12.93 -3.78 -31.16
CA MET A 170 13.84 -4.63 -30.41
C MET A 170 15.29 -4.17 -30.26
N GLU A 171 15.71 -3.19 -31.07
CA GLU A 171 17.07 -2.67 -30.97
C GLU A 171 17.46 -2.16 -29.56
N PRO A 172 16.57 -1.45 -28.83
CA PRO A 172 16.96 -1.02 -27.48
C PRO A 172 17.20 -2.16 -26.50
N LYS A 173 16.57 -3.32 -26.69
CA LYS A 173 16.81 -4.53 -25.87
C LYS A 173 18.15 -5.14 -26.24
N PHE A 174 18.41 -5.25 -27.54
CA PHE A 174 19.74 -5.66 -28.04
C PHE A 174 20.86 -4.77 -27.51
N GLU A 175 20.63 -3.45 -27.54
CA GLU A 175 21.58 -2.46 -27.02
C GLU A 175 21.90 -2.77 -25.55
N PHE A 176 20.87 -3.10 -24.79
CA PHE A 176 21.01 -3.43 -23.36
C PHE A 176 21.65 -4.82 -23.15
N ALA A 177 21.15 -5.81 -23.89
CA ALA A 177 21.61 -7.16 -23.71
C ALA A 177 23.10 -7.34 -23.96
N VAL A 178 23.69 -6.59 -24.90
CA VAL A 178 25.15 -6.74 -25.13
C VAL A 178 25.98 -6.15 -23.98
N LYS A 179 25.46 -5.11 -23.33
CA LYS A 179 26.15 -4.51 -22.18
C LYS A 179 25.95 -5.33 -20.90
N PHE A 180 24.74 -5.82 -20.70
CA PHE A 180 24.45 -6.68 -19.56
C PHE A 180 25.24 -8.00 -19.65
N ASN A 181 25.26 -8.61 -20.83
CA ASN A 181 25.99 -9.86 -21.03
C ASN A 181 27.49 -9.68 -20.88
N ALA A 182 27.98 -8.46 -21.07
CA ALA A 182 29.38 -8.13 -20.80
C ALA A 182 29.78 -8.22 -19.34
N LEU A 183 28.81 -8.10 -18.44
CA LEU A 183 29.05 -8.35 -17.01
C LEU A 183 29.39 -9.81 -16.69
N GLU A 184 29.08 -10.74 -17.59
CA GLU A 184 29.39 -12.15 -17.44
C GLU A 184 28.76 -12.72 -16.14
N LEU A 185 27.48 -12.45 -15.91
CA LEU A 185 26.74 -13.02 -14.78
C LEU A 185 26.35 -14.44 -15.09
N ASP A 186 26.10 -15.24 -14.05
CA ASP A 186 25.52 -16.57 -14.26
C ASP A 186 24.23 -16.79 -13.46
N ASP A 187 23.59 -17.95 -13.62
CA ASP A 187 22.24 -18.20 -13.04
C ASP A 187 22.17 -18.01 -11.54
N SER A 188 23.27 -18.31 -10.84
CA SER A 188 23.34 -18.18 -9.39
C SER A 188 23.38 -16.70 -8.96
N ASP A 189 24.01 -15.86 -9.79
CA ASP A 189 23.99 -14.38 -9.61
C ASP A 189 22.65 -13.81 -10.00
N LEU A 190 22.15 -14.23 -11.15
CA LEU A 190 20.84 -13.80 -11.64
C LEU A 190 19.69 -14.06 -10.69
N ALA A 191 19.75 -15.18 -9.97
CA ALA A 191 18.68 -15.58 -9.03
C ALA A 191 18.39 -14.51 -7.99
N ILE A 192 19.46 -14.03 -7.37
CA ILE A 192 19.38 -12.99 -6.34
C ILE A 192 19.00 -11.63 -6.95
N PHE A 193 19.63 -11.31 -8.07
CA PHE A 193 19.40 -10.06 -8.78
C PHE A 193 17.97 -9.87 -9.23
N ILE A 194 17.34 -10.93 -9.72
CA ILE A 194 15.90 -10.88 -10.03
C ILE A 194 15.14 -10.48 -8.77
N ALA A 195 15.43 -11.14 -7.66
CA ALA A 195 14.78 -10.85 -6.34
C ALA A 195 14.94 -9.42 -5.91
N VAL A 196 16.15 -8.89 -6.09
CA VAL A 196 16.41 -7.49 -5.82
C VAL A 196 15.48 -6.58 -6.65
N ILE A 197 15.27 -6.88 -7.92
CA ILE A 197 14.40 -6.07 -8.80
C ILE A 197 12.99 -5.97 -8.25
N ILE A 198 12.44 -7.09 -7.80
CA ILE A 198 11.05 -7.13 -7.35
C ILE A 198 10.87 -6.30 -6.06
N LEU A 199 11.82 -6.43 -5.15
CA LEU A 199 11.70 -5.81 -3.83
C LEU A 199 12.19 -4.38 -3.86
N SER A 200 11.45 -3.49 -4.52
CA SER A 200 11.85 -2.08 -4.61
C SER A 200 10.84 -1.17 -3.89
N GLY A 201 11.36 -0.31 -3.00
CA GLY A 201 10.56 0.69 -2.28
C GLY A 201 10.25 1.96 -3.08
N ASP A 202 10.85 2.09 -4.25
CA ASP A 202 10.52 3.13 -5.23
C ASP A 202 9.24 2.86 -6.03
N ARG A 203 8.67 1.66 -5.95
CA ARG A 203 7.48 1.35 -6.75
C ARG A 203 6.36 2.28 -6.32
N PRO A 204 5.61 2.83 -7.30
CA PRO A 204 4.52 3.73 -6.94
C PRO A 204 3.30 3.01 -6.32
N GLY A 205 2.68 3.68 -5.34
CA GLY A 205 1.46 3.20 -4.69
C GLY A 205 1.70 2.15 -3.63
N LEU A 206 2.88 2.19 -2.99
CA LEU A 206 3.26 1.20 -1.99
C LEU A 206 2.94 1.69 -0.57
N LEU A 207 2.14 0.89 0.12
CA LEU A 207 1.62 1.22 1.45
C LEU A 207 2.64 1.02 2.55
N ASN A 208 3.40 -0.07 2.44
CA ASN A 208 4.38 -0.47 3.44
C ASN A 208 5.74 -0.65 2.79
N VAL A 209 6.44 0.47 2.63
CA VAL A 209 7.80 0.52 2.09
C VAL A 209 8.85 -0.08 3.05
N LYS A 210 8.72 0.23 4.34
CA LYS A 210 9.66 -0.22 5.37
C LYS A 210 9.93 -1.72 5.39
N PRO A 211 8.86 -2.57 5.45
CA PRO A 211 9.14 -4.01 5.41
C PRO A 211 9.83 -4.46 4.12
N ILE A 212 9.53 -3.80 3.00
CA ILE A 212 10.10 -4.12 1.69
C ILE A 212 11.57 -3.73 1.64
N GLU A 213 11.85 -2.48 1.95
CA GLU A 213 13.23 -1.96 2.08
C GLU A 213 14.15 -2.85 2.94
N ASP A 214 13.58 -3.46 3.98
CA ASP A 214 14.32 -4.37 4.87
C ASP A 214 14.69 -5.68 4.18
N ILE A 215 13.78 -6.22 3.36
CA ILE A 215 14.07 -7.44 2.59
C ILE A 215 15.09 -7.15 1.50
N GLN A 216 14.83 -6.10 0.71
CA GLN A 216 15.75 -5.74 -0.33
C GLN A 216 17.14 -5.59 0.25
N ASP A 217 17.24 -4.92 1.38
CA ASP A 217 18.51 -4.76 2.05
C ASP A 217 19.11 -6.15 2.32
N ASN A 218 18.28 -7.06 2.84
CA ASN A 218 18.71 -8.45 3.02
C ASN A 218 19.27 -9.03 1.72
N LEU A 219 18.52 -8.89 0.62
CA LEU A 219 18.93 -9.41 -0.69
C LEU A 219 20.12 -8.70 -1.31
N LEU A 220 20.20 -7.38 -1.17
CA LEU A 220 21.39 -6.63 -1.59
C LEU A 220 22.63 -7.08 -0.86
N GLN A 221 22.48 -7.39 0.43
CA GLN A 221 23.59 -7.93 1.22
C GLN A 221 23.96 -9.30 0.64
N ALA A 222 22.96 -10.16 0.47
CA ALA A 222 23.18 -11.47 -0.13
C ALA A 222 23.87 -11.42 -1.51
N LEU A 223 23.35 -10.59 -2.42
CA LEU A 223 23.89 -10.38 -3.77
C LEU A 223 25.30 -9.84 -3.76
N GLU A 224 25.56 -8.83 -2.93
CA GLU A 224 26.90 -8.25 -2.85
C GLU A 224 27.97 -9.32 -2.53
N LEU A 225 27.66 -10.20 -1.59
CA LEU A 225 28.57 -11.28 -1.19
C LEU A 225 28.71 -12.28 -2.31
N GLN A 226 27.57 -12.71 -2.86
CA GLN A 226 27.54 -13.62 -4.02
C GLN A 226 28.42 -13.13 -5.16
N LEU A 227 28.35 -11.84 -5.48
CA LEU A 227 29.21 -11.29 -6.55
C LEU A 227 30.67 -11.25 -6.12
N LYS A 228 30.92 -10.93 -4.85
CA LYS A 228 32.28 -10.94 -4.29
C LYS A 228 32.91 -12.32 -4.42
N LEU A 229 32.14 -13.34 -4.03
CA LEU A 229 32.58 -14.74 -4.08
C LEU A 229 32.76 -15.26 -5.49
N ASN A 230 31.81 -14.95 -6.34
CA ASN A 230 31.71 -15.48 -7.70
C ASN A 230 32.53 -14.71 -8.75
N HIS A 231 32.73 -13.41 -8.60
CA HIS A 231 33.43 -12.61 -9.63
C HIS A 231 34.54 -11.79 -9.00
N PRO A 232 35.62 -12.45 -8.58
CA PRO A 232 36.70 -11.74 -7.90
C PRO A 232 37.44 -10.78 -8.80
N GLU A 233 37.50 -11.12 -10.08
CA GLU A 233 38.16 -10.28 -11.07
C GLU A 233 37.52 -8.90 -11.18
N SER A 234 36.19 -8.84 -11.28
CA SER A 234 35.50 -7.55 -11.45
C SER A 234 35.04 -6.91 -10.13
N SER A 235 35.77 -5.87 -9.71
CA SER A 235 35.39 -5.03 -8.59
C SER A 235 34.32 -4.05 -9.03
N GLN A 236 33.45 -3.65 -8.10
CA GLN A 236 32.29 -2.79 -8.40
C GLN A 236 31.30 -3.41 -9.40
N LEU A 237 31.30 -4.74 -9.52
CA LEU A 237 30.32 -5.41 -10.34
C LEU A 237 28.97 -5.15 -9.71
N PHE A 238 28.92 -5.19 -8.38
CA PHE A 238 27.74 -4.85 -7.63
C PHE A 238 27.19 -3.50 -8.09
N ALA A 239 28.06 -2.51 -8.16
CA ALA A 239 27.70 -1.17 -8.60
C ALA A 239 27.28 -1.15 -10.05
N LYS A 240 28.17 -1.61 -10.92
CA LYS A 240 27.90 -1.71 -12.34
C LYS A 240 26.57 -2.45 -12.62
N LEU A 241 26.28 -3.50 -11.85
CA LEU A 241 25.07 -4.30 -12.03
C LEU A 241 23.83 -3.52 -11.59
N LEU A 242 23.94 -2.83 -10.47
CA LEU A 242 22.83 -2.03 -9.95
C LEU A 242 22.42 -0.90 -10.90
N GLN A 243 23.38 -0.32 -11.60
CA GLN A 243 23.06 0.67 -12.62
C GLN A 243 22.30 0.15 -13.82
N LYS A 244 22.41 -1.14 -14.10
CA LYS A 244 21.67 -1.73 -15.19
C LYS A 244 20.18 -1.69 -14.90
N MET A 245 19.81 -1.60 -13.63
CA MET A 245 18.38 -1.45 -13.26
C MET A 245 17.76 -0.19 -13.87
N THR A 246 18.58 0.84 -14.02
CA THR A 246 18.23 2.06 -14.70
C THR A 246 17.83 1.75 -16.15
N ASP A 247 18.72 1.09 -16.86
CA ASP A 247 18.49 0.75 -18.26
C ASP A 247 17.27 -0.15 -18.45
N LEU A 248 17.03 -1.06 -17.52
CA LEU A 248 15.83 -1.90 -17.53
C LEU A 248 14.56 -1.10 -17.49
N ARG A 249 14.54 -0.10 -16.59
CA ARG A 249 13.40 0.80 -16.44
C ARG A 249 13.12 1.46 -17.78
N GLN A 250 14.16 2.08 -18.31
CA GLN A 250 14.07 2.82 -19.54
C GLN A 250 13.58 1.95 -20.69
N ILE A 251 14.05 0.71 -20.79
CA ILE A 251 13.48 -0.23 -21.78
C ILE A 251 11.97 -0.37 -21.55
N VAL A 252 11.57 -0.65 -20.31
CA VAL A 252 10.16 -0.92 -19.98
C VAL A 252 9.25 0.28 -20.25
N THR A 253 9.71 1.50 -19.93
CA THR A 253 8.92 2.71 -20.19
C THR A 253 8.72 2.91 -21.68
N GLU A 254 9.82 2.90 -22.44
CA GLU A 254 9.81 2.92 -23.92
C GLU A 254 8.99 1.79 -24.55
N HIS A 255 8.99 0.63 -23.91
CA HIS A 255 8.20 -0.51 -24.34
C HIS A 255 6.73 -0.16 -24.28
N VAL A 256 6.29 0.36 -23.15
CA VAL A 256 4.88 0.78 -22.98
C VAL A 256 4.51 1.92 -23.94
N GLN A 257 5.40 2.88 -24.11
CA GLN A 257 5.16 4.02 -25.00
C GLN A 257 5.00 3.61 -26.44
N LEU A 258 5.70 2.53 -26.83
CA LEU A 258 5.49 1.93 -28.15
C LEU A 258 4.20 1.10 -28.24
N LEU A 259 3.81 0.46 -27.13
CA LEU A 259 2.50 -0.21 -27.05
C LEU A 259 1.29 0.71 -27.15
N GLN A 260 1.49 1.99 -26.84
CA GLN A 260 0.48 3.02 -27.11
C GLN A 260 0.28 3.20 -28.60
N VAL A 261 1.40 3.32 -29.33
CA VAL A 261 1.38 3.39 -30.79
C VAL A 261 0.61 2.19 -31.34
N ILE A 262 0.96 0.98 -30.90
CA ILE A 262 0.29 -0.26 -31.31
C ILE A 262 -1.22 -0.28 -31.04
N LYS A 263 -1.65 0.25 -29.89
CA LYS A 263 -3.08 0.32 -29.54
C LYS A 263 -3.85 1.28 -30.47
N LYS A 264 -3.20 2.39 -30.85
CA LYS A 264 -3.73 3.38 -31.81
C LYS A 264 -3.58 2.97 -33.28
N THR A 265 -2.49 2.28 -33.63
CA THR A 265 -2.12 2.01 -35.03
C THR A 265 -2.78 0.77 -35.68
N GLU A 266 -3.02 -0.30 -34.92
CA GLU A 266 -3.65 -1.51 -35.48
C GLU A 266 -4.76 -2.08 -34.61
N THR A 267 -5.94 -2.25 -35.20
CA THR A 267 -7.06 -2.95 -34.55
C THR A 267 -6.80 -4.47 -34.47
N ASP A 268 -5.97 -4.99 -35.39
CA ASP A 268 -5.71 -6.43 -35.50
C ASP A 268 -4.54 -6.96 -34.66
N MET A 269 -3.74 -6.07 -34.07
CA MET A 269 -2.85 -6.47 -32.98
C MET A 269 -3.64 -6.37 -31.68
N SER A 270 -3.96 -7.52 -31.10
CA SER A 270 -4.77 -7.60 -29.89
C SER A 270 -3.90 -8.00 -28.71
N LEU A 271 -3.83 -7.10 -27.73
CA LEU A 271 -3.07 -7.37 -26.52
C LEU A 271 -3.82 -8.37 -25.62
N HIS A 272 -3.10 -9.34 -25.09
CA HIS A 272 -3.64 -10.37 -24.20
C HIS A 272 -4.23 -9.74 -22.91
N PRO A 273 -5.28 -10.36 -22.31
CA PRO A 273 -5.94 -9.73 -21.14
C PRO A 273 -5.03 -9.41 -19.97
N LEU A 274 -4.05 -10.29 -19.74
CA LEU A 274 -3.03 -10.10 -18.71
C LEU A 274 -2.05 -8.96 -18.99
N LEU A 275 -1.51 -8.91 -20.20
CA LEU A 275 -0.61 -7.80 -20.55
C LEU A 275 -1.33 -6.47 -20.45
N GLN A 276 -2.55 -6.43 -21.00
CA GLN A 276 -3.46 -5.30 -20.86
C GLN A 276 -3.67 -4.89 -19.40
N GLU A 277 -3.94 -5.86 -18.52
CA GLU A 277 -4.08 -5.58 -17.08
C GLU A 277 -2.82 -4.91 -16.52
N ILE A 278 -1.66 -5.46 -16.86
CA ILE A 278 -0.38 -4.95 -16.34
C ILE A 278 -0.08 -3.56 -16.90
N TYR A 279 -0.32 -3.36 -18.20
CA TYR A 279 -0.05 -2.05 -18.79
C TYR A 279 -1.08 -0.98 -18.42
N LYS A 280 -2.28 -1.40 -17.98
CA LYS A 280 -3.34 -0.49 -17.54
C LYS A 280 -2.85 0.37 -16.37
N ASP A 281 -2.91 1.68 -16.53
CA ASP A 281 -2.44 2.62 -15.49
C ASP A 281 -0.99 2.33 -15.10
N LEU A 282 -0.12 2.17 -16.10
CA LEU A 282 1.31 1.96 -15.89
C LEU A 282 2.10 3.03 -16.64
N TYR A 283 2.72 3.94 -15.89
CA TYR A 283 3.61 4.94 -16.47
C TYR A 283 3.00 5.70 -17.65
N HIS B 3 -6.73 -5.05 -11.14
CA HIS B 3 -5.53 -5.91 -10.85
C HIS B 3 -5.92 -7.33 -10.46
N LYS B 4 -6.89 -7.91 -11.17
CA LYS B 4 -7.54 -9.15 -10.72
C LYS B 4 -6.79 -10.43 -11.07
N ILE B 5 -6.20 -10.49 -12.26
CA ILE B 5 -5.47 -11.69 -12.69
C ILE B 5 -4.22 -11.86 -11.84
N LEU B 6 -3.51 -10.77 -11.55
CA LEU B 6 -2.31 -10.86 -10.73
C LEU B 6 -2.59 -11.47 -9.36
N HIS B 7 -3.44 -10.83 -8.54
CA HIS B 7 -3.71 -11.34 -7.19
C HIS B 7 -4.29 -12.77 -7.15
N ARG B 8 -4.88 -13.23 -8.26
CA ARG B 8 -5.18 -14.66 -8.41
C ARG B 8 -3.90 -15.50 -8.31
N LEU B 9 -2.91 -15.13 -9.11
CA LEU B 9 -1.64 -15.86 -9.15
C LEU B 9 -0.81 -15.74 -7.87
N LEU B 10 -1.01 -14.66 -7.12
CA LEU B 10 -0.38 -14.50 -5.79
C LEU B 10 -0.96 -15.43 -4.70
N GLN B 11 -2.11 -16.05 -4.94
CA GLN B 11 -2.75 -16.94 -3.94
C GLN B 11 -1.91 -18.19 -3.64
N ALA C 1 16.03 48.23 25.41
CA ALA C 1 16.27 46.79 25.02
C ALA C 1 15.59 45.70 25.86
N GLU C 2 15.04 46.06 27.02
CA GLU C 2 13.98 45.27 27.65
C GLU C 2 12.71 45.26 26.78
N ILE C 3 12.52 46.32 25.98
CA ILE C 3 11.36 46.48 25.11
C ILE C 3 11.55 45.86 23.70
N SER C 4 12.76 45.93 23.15
CA SER C 4 13.10 45.18 21.91
C SER C 4 12.85 43.68 22.09
N SER C 5 13.15 43.17 23.28
CA SER C 5 12.78 41.81 23.67
C SER C 5 11.27 41.70 23.86
N ASP C 6 10.67 42.66 24.56
CA ASP C 6 9.20 42.74 24.81
C ASP C 6 8.37 42.67 23.55
N ILE C 7 8.80 43.41 22.53
CA ILE C 7 8.03 43.59 21.31
C ILE C 7 8.15 42.40 20.32
N ASP C 8 8.78 41.29 20.73
CA ASP C 8 8.60 40.00 20.03
C ASP C 8 7.21 39.38 20.37
N GLN C 9 6.14 40.14 20.06
CA GLN C 9 4.72 39.71 20.15
C GLN C 9 4.36 38.83 18.95
N LEU C 10 5.31 38.70 18.03
CA LEU C 10 5.14 37.94 16.80
C LEU C 10 4.95 36.43 17.00
N ASN C 11 4.36 35.81 15.97
CA ASN C 11 4.03 34.40 15.95
C ASN C 11 5.28 33.58 15.59
N PRO C 12 5.42 32.34 16.10
CA PRO C 12 6.65 31.55 15.85
C PRO C 12 6.86 31.25 14.37
N GLU C 13 8.11 30.96 14.01
CA GLU C 13 8.42 30.71 12.61
C GLU C 13 7.87 29.35 12.14
N SER C 14 7.41 29.37 10.88
CA SER C 14 6.82 28.24 10.19
C SER C 14 7.58 26.94 10.44
N ALA C 15 8.88 26.99 10.25
CA ALA C 15 9.77 25.85 10.45
C ALA C 15 9.48 25.09 11.75
N ASP C 16 9.46 25.81 12.85
CA ASP C 16 9.12 25.20 14.15
C ASP C 16 7.71 24.55 14.17
N LEU C 17 6.75 25.21 13.52
CA LEU C 17 5.37 24.69 13.39
C LEU C 17 5.30 23.40 12.57
N ARG C 18 6.04 23.32 11.47
CA ARG C 18 6.00 22.13 10.60
C ARG C 18 6.57 20.93 11.33
N ALA C 19 7.59 21.17 12.14
CA ALA C 19 8.16 20.14 13.01
C ALA C 19 7.12 19.63 13.98
N LEU C 20 6.38 20.55 14.58
CA LEU C 20 5.24 20.21 15.42
C LEU C 20 4.19 19.42 14.63
N ALA C 21 3.84 19.93 13.44
CA ALA C 21 2.94 19.22 12.54
C ALA C 21 3.40 17.78 12.25
N LYS C 22 4.66 17.63 11.84
CA LYS C 22 5.21 16.31 11.54
C LYS C 22 5.27 15.42 12.77
N HIS C 23 5.63 15.99 13.93
CA HIS C 23 5.77 15.22 15.15
C HIS C 23 4.42 14.60 15.52
N LEU C 24 3.38 15.44 15.49
CA LEU C 24 2.01 15.03 15.78
C LEU C 24 1.48 13.96 14.83
N TYR C 25 1.79 14.15 13.55
CA TYR C 25 1.39 13.21 12.52
C TYR C 25 1.91 11.78 12.79
N ASP C 26 3.19 11.67 13.14
CA ASP C 26 3.84 10.35 13.32
C ASP C 26 3.22 9.62 14.50
N SER C 27 2.99 10.35 15.58
CA SER C 27 2.25 9.83 16.74
C SER C 27 0.89 9.33 16.33
N TYR C 28 0.21 10.14 15.52
CA TYR C 28 -1.11 9.80 15.00
C TYR C 28 -1.10 8.48 14.22
N ILE C 29 -0.16 8.35 13.28
CA ILE C 29 0.05 7.13 12.47
C ILE C 29 0.41 5.92 13.34
N LYS C 30 1.29 6.17 14.31
CA LYS C 30 1.62 5.19 15.38
C LYS C 30 0.38 4.76 16.16
N SER C 31 -0.33 5.76 16.69
CA SER C 31 -1.36 5.55 17.70
C SER C 31 -2.60 4.81 17.20
N PHE C 32 -3.04 5.09 15.96
CA PHE C 32 -4.37 4.66 15.51
C PHE C 32 -4.32 3.57 14.45
N PRO C 33 -5.31 2.67 14.47
CA PRO C 33 -5.34 1.53 13.57
C PRO C 33 -5.70 1.91 12.15
N LEU C 34 -6.72 2.75 11.97
CA LEU C 34 -7.25 3.10 10.65
C LEU C 34 -6.99 4.56 10.39
N THR C 35 -6.16 4.80 9.39
CA THR C 35 -5.98 6.13 8.85
C THR C 35 -7.19 6.40 7.99
N LYS C 36 -7.48 7.68 7.75
CA LYS C 36 -8.46 8.07 6.77
C LYS C 36 -8.05 7.54 5.40
N ALA C 37 -6.79 7.80 5.01
CA ALA C 37 -6.25 7.38 3.71
C ALA C 37 -6.53 5.92 3.39
N LYS C 38 -6.32 5.06 4.36
CA LYS C 38 -6.69 3.65 4.23
C LYS C 38 -8.20 3.49 4.10
N ALA C 39 -8.96 3.99 5.06
CA ALA C 39 -10.42 3.91 5.02
C ALA C 39 -11.00 4.35 3.67
N ARG C 40 -10.42 5.41 3.10
CA ARG C 40 -10.87 5.93 1.82
C ARG C 40 -10.64 4.93 0.70
N ALA C 41 -9.47 4.29 0.70
CA ALA C 41 -9.15 3.30 -0.34
C ALA C 41 -10.19 2.21 -0.39
N ILE C 42 -10.61 1.74 0.79
CA ILE C 42 -11.61 0.69 0.91
C ILE C 42 -12.96 1.19 0.40
N LEU C 43 -13.37 2.36 0.85
CA LEU C 43 -14.67 2.89 0.45
C LEU C 43 -14.80 3.19 -1.02
N THR C 44 -13.75 3.74 -1.62
CA THR C 44 -13.80 4.10 -3.06
C THR C 44 -13.45 2.89 -3.93
N GLY C 45 -13.01 1.80 -3.29
CA GLY C 45 -12.65 0.56 -3.98
C GLY C 45 -11.25 0.52 -4.56
N LYS C 46 -10.46 1.58 -4.35
CA LYS C 46 -9.07 1.67 -4.85
C LYS C 46 -8.10 0.88 -3.95
N THR C 47 -8.26 -0.42 -3.95
CA THR C 47 -7.48 -1.31 -3.12
C THR C 47 -7.87 -2.71 -3.56
N THR C 48 -6.91 -3.62 -3.56
CA THR C 48 -7.17 -5.04 -3.82
C THR C 48 -7.52 -5.79 -2.52
N ASP C 49 -7.49 -5.07 -1.39
CA ASP C 49 -7.91 -5.59 -0.10
C ASP C 49 -9.31 -6.17 -0.25
N LYS C 50 -9.53 -7.34 0.37
CA LYS C 50 -10.81 -8.04 0.31
C LYS C 50 -11.91 -7.02 0.61
N SER C 51 -12.88 -6.87 -0.30
CA SER C 51 -13.95 -5.90 -0.11
C SER C 51 -14.67 -6.16 1.20
N PRO C 52 -15.27 -5.12 1.80
CA PRO C 52 -15.91 -5.37 3.07
C PRO C 52 -17.33 -5.88 2.89
N PHE C 53 -17.81 -6.64 3.86
CA PHE C 53 -19.14 -7.19 3.82
C PHE C 53 -20.22 -6.15 4.09
N VAL C 54 -21.12 -5.98 3.13
CA VAL C 54 -22.20 -4.99 3.27
C VAL C 54 -23.37 -5.55 4.06
N ILE C 55 -23.72 -4.88 5.16
CA ILE C 55 -24.91 -5.20 5.94
C ILE C 55 -26.00 -4.17 5.68
N TYR C 56 -26.98 -4.54 4.87
CA TYR C 56 -28.06 -3.64 4.48
C TYR C 56 -29.42 -4.02 5.03
N ASP C 57 -29.53 -5.19 5.66
CA ASP C 57 -30.82 -5.67 6.19
C ASP C 57 -30.62 -6.89 7.06
N MET C 58 -31.72 -7.49 7.50
CA MET C 58 -31.67 -8.61 8.43
C MET C 58 -30.96 -9.87 7.93
N ASN C 59 -31.16 -10.19 6.64
CA ASN C 59 -30.52 -11.34 6.00
C ASN C 59 -29.02 -11.18 6.01
N SER C 60 -28.56 -10.03 5.53
CA SER C 60 -27.15 -9.63 5.52
C SER C 60 -26.52 -9.66 6.91
N LEU C 61 -27.24 -9.12 7.87
CA LEU C 61 -26.77 -9.12 9.22
C LEU C 61 -26.54 -10.55 9.71
N MET C 62 -27.50 -11.43 9.43
CA MET C 62 -27.45 -12.81 9.92
C MET C 62 -26.29 -13.59 9.26
N MET C 63 -26.10 -13.40 7.96
CA MET C 63 -24.97 -14.03 7.25
C MET C 63 -23.64 -13.60 7.85
N GLY C 64 -23.51 -12.29 8.06
CA GLY C 64 -22.36 -11.74 8.73
C GLY C 64 -22.15 -12.36 10.10
N GLU C 65 -23.23 -12.47 10.87
CA GLU C 65 -23.16 -13.01 12.21
C GLU C 65 -22.62 -14.45 12.23
N ASP C 66 -23.03 -15.26 11.25
CA ASP C 66 -22.71 -16.70 11.23
C ASP C 66 -21.55 -17.03 10.33
N LYS C 67 -21.70 -16.74 9.05
CA LYS C 67 -20.79 -17.24 8.02
C LYS C 67 -19.50 -16.45 7.85
N ILE C 68 -19.53 -15.15 8.14
CA ILE C 68 -18.39 -14.27 7.91
C ILE C 68 -17.57 -14.01 9.17
N LYS C 69 -16.25 -13.97 8.96
CA LYS C 69 -15.26 -13.74 10.00
C LYS C 69 -15.09 -12.26 10.27
N PHE C 70 -14.88 -11.90 11.53
CA PHE C 70 -14.68 -10.50 11.91
C PHE C 70 -13.65 -10.33 13.01
N LYS C 71 -12.87 -9.25 12.90
CA LYS C 71 -11.87 -8.86 13.89
C LYS C 71 -12.56 -8.31 15.13
N HIS C 72 -13.71 -7.66 14.94
CA HIS C 72 -14.49 -7.05 16.02
C HIS C 72 -15.88 -7.64 16.08
N ILE C 73 -16.27 -8.08 17.27
CA ILE C 73 -17.52 -8.80 17.40
C ILE C 73 -18.30 -8.23 18.60
N THR C 74 -19.60 -8.47 18.56
CA THR C 74 -20.47 -8.28 19.69
C THR C 74 -20.01 -9.25 20.79
N PRO C 75 -19.87 -8.77 22.04
CA PRO C 75 -19.50 -9.68 23.13
C PRO C 75 -20.42 -10.90 23.21
N LEU C 76 -19.85 -12.08 23.47
CA LEU C 76 -20.60 -13.34 23.39
C LEU C 76 -21.78 -13.40 24.34
N GLN C 77 -21.59 -12.88 25.56
CA GLN C 77 -22.71 -12.68 26.48
C GLN C 77 -23.86 -12.00 25.74
N GLU C 78 -23.51 -10.92 25.03
CA GLU C 78 -24.47 -10.03 24.36
C GLU C 78 -25.06 -10.60 23.06
N GLN C 79 -24.34 -11.49 22.36
CA GLN C 79 -24.84 -12.13 21.12
C GLN C 79 -26.17 -12.90 21.28
N SER C 80 -26.46 -13.34 22.50
CA SER C 80 -27.76 -13.92 22.84
C SER C 80 -28.95 -12.95 22.69
N LYS C 81 -28.68 -11.63 22.72
CA LYS C 81 -29.70 -10.56 22.79
C LYS C 81 -30.30 -10.14 21.46
N GLU C 82 -31.30 -9.28 21.54
CA GLU C 82 -31.96 -8.62 20.41
C GLU C 82 -30.97 -7.97 19.41
N VAL C 83 -31.33 -7.97 18.13
CA VAL C 83 -30.52 -7.38 17.02
C VAL C 83 -29.98 -5.99 17.29
N ALA C 84 -30.84 -5.11 17.83
CA ALA C 84 -30.48 -3.73 18.07
C ALA C 84 -29.39 -3.73 19.13
N ILE C 85 -29.58 -4.48 20.21
CA ILE C 85 -28.61 -4.50 21.32
C ILE C 85 -27.23 -4.94 20.88
N ARG C 86 -27.18 -6.02 20.11
CA ARG C 86 -25.90 -6.62 19.70
C ARG C 86 -25.03 -5.69 18.87
N ILE C 87 -25.67 -5.15 17.82
CA ILE C 87 -25.07 -4.17 16.95
C ILE C 87 -24.35 -3.09 17.78
N PHE C 88 -25.09 -2.47 18.71
CA PHE C 88 -24.60 -1.33 19.54
C PHE C 88 -23.51 -1.74 20.52
N GLN C 89 -23.67 -2.91 21.13
CA GLN C 89 -22.66 -3.46 22.05
C GLN C 89 -21.28 -3.66 21.38
N GLY C 90 -21.31 -4.02 20.11
CA GLY C 90 -20.09 -4.15 19.33
C GLY C 90 -19.43 -2.80 19.13
N CYS C 91 -20.25 -1.79 18.84
CA CYS C 91 -19.76 -0.43 18.76
C CYS C 91 -19.15 -0.04 20.12
N GLN C 92 -19.86 -0.31 21.22
CA GLN C 92 -19.38 0.02 22.56
C GLN C 92 -17.98 -0.53 22.83
N PHE C 93 -17.75 -1.77 22.42
CA PHE C 93 -16.47 -2.44 22.64
C PHE C 93 -15.32 -1.77 21.89
N ARG C 94 -15.59 -1.37 20.65
CA ARG C 94 -14.60 -0.65 19.86
C ARG C 94 -14.31 0.74 20.44
N SER C 95 -15.32 1.36 21.04
CA SER C 95 -15.17 2.67 21.73
C SER C 95 -14.13 2.60 22.85
N VAL C 96 -14.21 1.54 23.65
CA VAL C 96 -13.26 1.31 24.75
C VAL C 96 -11.81 1.41 24.22
N GLU C 97 -11.50 0.68 23.15
CA GLU C 97 -10.17 0.68 22.52
C GLU C 97 -9.76 2.06 21.99
N ALA C 98 -10.73 2.78 21.44
CA ALA C 98 -10.48 4.12 20.90
C ALA C 98 -9.92 5.06 21.96
N VAL C 99 -10.49 5.01 23.16
CA VAL C 99 -10.04 5.84 24.29
C VAL C 99 -8.56 5.60 24.57
N GLN C 100 -8.17 4.34 24.68
CA GLN C 100 -6.80 3.97 25.01
C GLN C 100 -5.84 4.58 23.99
N GLU C 101 -6.22 4.42 22.72
CA GLU C 101 -5.49 4.99 21.58
C GLU C 101 -5.42 6.51 21.68
N ILE C 102 -6.57 7.15 21.86
CA ILE C 102 -6.65 8.61 21.97
C ILE C 102 -5.78 9.13 23.11
N THR C 103 -5.82 8.45 24.26
CA THR C 103 -5.02 8.83 25.44
C THR C 103 -3.53 8.79 25.11
N GLU C 104 -3.09 7.70 24.48
CA GLU C 104 -1.71 7.57 24.00
C GLU C 104 -1.29 8.71 23.08
N TYR C 105 -2.17 9.05 22.13
CA TYR C 105 -1.92 10.15 21.20
C TYR C 105 -1.82 11.52 21.92
N ALA C 106 -2.63 11.72 22.96
CA ALA C 106 -2.61 12.96 23.75
C ALA C 106 -1.30 13.10 24.50
N LYS C 107 -0.80 12.00 25.04
CA LYS C 107 0.53 11.97 25.68
C LYS C 107 1.64 12.46 24.73
N SER C 108 1.48 12.16 23.44
CA SER C 108 2.38 12.66 22.39
C SER C 108 2.42 14.16 22.19
N ILE C 109 1.32 14.86 22.48
CA ILE C 109 1.24 16.31 22.28
C ILE C 109 2.33 16.98 23.14
N PRO C 110 3.15 17.87 22.54
CA PRO C 110 4.23 18.48 23.31
C PRO C 110 3.79 19.34 24.51
N GLY C 111 4.20 18.88 25.70
CA GLY C 111 3.85 19.55 26.93
C GLY C 111 2.43 19.29 27.38
N PHE C 112 1.88 18.13 27.03
CA PHE C 112 0.60 17.68 27.60
C PHE C 112 0.87 17.14 28.99
N VAL C 113 1.87 16.28 29.10
CA VAL C 113 2.32 15.70 30.38
C VAL C 113 2.77 16.73 31.44
N ASN C 114 3.34 17.84 30.96
CA ASN C 114 3.77 18.97 31.80
C ASN C 114 2.61 19.76 32.45
N LEU C 115 1.38 19.50 32.02
CA LEU C 115 0.20 20.07 32.66
C LEU C 115 -0.20 19.33 33.93
N ASP C 116 -1.00 20.01 34.72
CA ASP C 116 -1.59 19.49 35.96
C ASP C 116 -2.45 18.27 35.59
N LEU C 117 -2.35 17.19 36.37
CA LEU C 117 -3.10 15.96 36.09
C LEU C 117 -4.59 16.07 36.36
N ASN C 118 -4.97 17.01 37.24
CA ASN C 118 -6.38 17.39 37.41
C ASN C 118 -6.88 18.02 36.12
N ASP C 119 -6.07 18.91 35.54
CA ASP C 119 -6.35 19.52 34.23
C ASP C 119 -6.28 18.51 33.08
N GLN C 120 -5.28 17.62 33.09
CA GLN C 120 -5.10 16.59 32.03
C GLN C 120 -6.28 15.62 31.91
N VAL C 121 -6.69 15.05 33.05
CA VAL C 121 -7.84 14.14 33.09
C VAL C 121 -9.13 14.80 32.58
N THR C 122 -9.35 16.06 32.96
CA THR C 122 -10.52 16.81 32.56
C THR C 122 -10.52 16.95 31.02
N LEU C 123 -9.38 17.34 30.48
CA LEU C 123 -9.24 17.50 29.04
C LEU C 123 -9.69 16.27 28.27
N LEU C 124 -9.26 15.09 28.71
CA LEU C 124 -9.70 13.80 28.14
C LEU C 124 -11.14 13.40 28.42
N LYS C 125 -11.71 13.77 29.57
CA LYS C 125 -13.09 13.38 29.86
C LYS C 125 -14.02 13.97 28.81
N TYR C 126 -13.85 15.25 28.57
CA TYR C 126 -14.62 16.00 27.58
C TYR C 126 -14.13 15.80 26.12
N GLY C 127 -12.83 15.57 25.94
CA GLY C 127 -12.20 15.50 24.63
C GLY C 127 -12.38 14.22 23.81
N VAL C 128 -12.31 13.06 24.46
CA VAL C 128 -12.32 11.74 23.77
C VAL C 128 -13.45 11.50 22.77
N HIS C 129 -14.70 11.75 23.16
CA HIS C 129 -15.82 11.44 22.28
C HIS C 129 -15.83 12.39 21.11
N GLU C 130 -15.59 13.67 21.36
CA GLU C 130 -15.41 14.64 20.29
C GLU C 130 -14.37 14.09 19.27
N ILE C 131 -13.25 13.56 19.76
CA ILE C 131 -12.22 12.99 18.89
C ILE C 131 -12.73 11.74 18.17
N ILE C 132 -13.49 10.90 18.87
CA ILE C 132 -14.00 9.69 18.26
C ILE C 132 -14.93 10.01 17.08
N TYR C 133 -15.94 10.85 17.31
CA TYR C 133 -16.86 11.23 16.23
C TYR C 133 -16.12 11.85 15.05
N THR C 134 -15.08 12.62 15.34
CA THR C 134 -14.21 13.21 14.31
C THR C 134 -13.57 12.12 13.49
N MET C 135 -13.04 11.11 14.16
CA MET C 135 -12.37 10.02 13.47
C MET C 135 -13.30 9.04 12.77
N LEU C 136 -14.47 8.83 13.36
CA LEU C 136 -15.54 8.02 12.73
C LEU C 136 -15.91 8.51 11.35
N ALA C 137 -16.12 9.82 11.20
CA ALA C 137 -16.46 10.40 9.91
C ALA C 137 -15.54 9.96 8.77
N SER C 138 -14.28 9.63 9.06
CA SER C 138 -13.36 9.06 8.06
C SER C 138 -13.91 7.74 7.51
N LEU C 139 -14.55 6.99 8.40
CA LEU C 139 -15.16 5.70 8.07
C LEU C 139 -16.54 5.79 7.42
N MET C 140 -17.13 6.97 7.34
CA MET C 140 -18.49 7.08 6.83
C MET C 140 -18.55 7.71 5.46
N ASN C 141 -19.68 7.47 4.81
CA ASN C 141 -20.17 8.27 3.69
C ASN C 141 -21.69 8.28 3.86
N LYS C 142 -22.41 8.89 2.92
CA LYS C 142 -23.89 8.95 2.97
C LYS C 142 -24.61 7.60 3.01
N ASP C 143 -24.00 6.57 2.42
CA ASP C 143 -24.56 5.20 2.42
C ASP C 143 -24.44 4.46 3.77
N GLY C 144 -23.46 4.79 4.60
CA GLY C 144 -23.25 4.02 5.82
C GLY C 144 -21.87 4.15 6.40
N VAL C 145 -21.48 3.19 7.24
CA VAL C 145 -20.23 3.28 8.00
C VAL C 145 -19.35 2.03 7.86
N LEU C 146 -18.03 2.23 7.81
CA LEU C 146 -17.08 1.12 7.85
C LEU C 146 -16.90 0.65 9.27
N ILE C 147 -16.96 -0.66 9.47
CA ILE C 147 -16.85 -1.28 10.79
C ILE C 147 -15.76 -2.36 10.84
N SER C 148 -15.23 -2.59 12.04
CA SER C 148 -14.28 -3.66 12.31
C SER C 148 -13.08 -3.61 11.37
N GLU C 149 -12.37 -2.49 11.38
CA GLU C 149 -11.18 -2.31 10.55
C GLU C 149 -11.43 -2.65 9.06
N GLY C 150 -12.53 -2.12 8.55
CA GLY C 150 -12.82 -2.16 7.13
C GLY C 150 -13.31 -3.49 6.61
N GLN C 151 -13.67 -4.40 7.51
CA GLN C 151 -14.14 -5.75 7.10
C GLN C 151 -15.63 -5.78 6.75
N GLY C 152 -16.41 -4.93 7.40
CA GLY C 152 -17.84 -4.81 7.13
C GLY C 152 -18.22 -3.39 6.82
N PHE C 153 -19.37 -3.21 6.18
CA PHE C 153 -19.94 -1.90 5.95
C PHE C 153 -21.42 -1.99 6.23
N MET C 154 -21.94 -1.07 7.05
CA MET C 154 -23.30 -1.15 7.57
C MET C 154 -24.09 0.07 7.15
N THR C 155 -25.24 -0.13 6.52
CA THR C 155 -25.90 0.97 5.83
C THR C 155 -26.62 1.90 6.81
N ARG C 156 -26.59 3.17 6.48
CA ARG C 156 -27.25 4.23 7.24
C ARG C 156 -28.70 3.88 7.43
N GLU C 157 -29.31 3.41 6.34
CA GLU C 157 -30.72 3.12 6.28
C GLU C 157 -31.12 1.92 7.11
N PHE C 158 -30.24 0.92 7.16
CA PHE C 158 -30.43 -0.23 8.05
C PHE C 158 -30.51 0.23 9.48
N LEU C 159 -29.57 1.08 9.88
CA LEU C 159 -29.53 1.54 11.27
C LEU C 159 -30.74 2.39 11.61
N LYS C 160 -31.14 3.21 10.64
CA LYS C 160 -32.32 4.07 10.73
C LYS C 160 -33.63 3.28 10.76
N SER C 161 -33.58 2.00 10.35
CA SER C 161 -34.72 1.08 10.50
C SER C 161 -34.76 0.25 11.78
N LEU C 162 -33.81 0.43 12.71
CA LEU C 162 -33.82 -0.35 13.96
C LEU C 162 -34.90 0.22 14.87
N ARG C 163 -35.20 -0.51 15.92
CA ARG C 163 -36.24 -0.09 16.87
C ARG C 163 -35.80 1.16 17.64
N LYS C 164 -36.77 2.05 17.93
CA LYS C 164 -36.54 3.22 18.78
C LYS C 164 -36.22 2.76 20.21
N PRO C 165 -35.21 3.34 20.85
CA PRO C 165 -34.57 4.60 20.44
C PRO C 165 -33.34 4.49 19.53
N PHE C 166 -32.98 3.28 19.12
CA PHE C 166 -31.74 3.02 18.40
C PHE C 166 -31.77 3.39 16.91
N GLY C 167 -32.97 3.59 16.37
CA GLY C 167 -33.15 4.02 15.00
C GLY C 167 -32.61 5.40 14.70
N ASP C 168 -32.82 6.34 15.60
CA ASP C 168 -32.34 7.73 15.43
C ASP C 168 -31.00 7.99 16.12
N PHE C 169 -30.43 6.97 16.75
CA PHE C 169 -29.13 7.04 17.43
C PHE C 169 -27.93 7.53 16.58
N MET C 170 -27.86 7.09 15.31
CA MET C 170 -26.71 7.37 14.45
C MET C 170 -26.92 8.45 13.39
N GLU C 171 -28.16 8.86 13.16
CA GLU C 171 -28.45 9.86 12.13
C GLU C 171 -27.71 11.21 12.34
N PRO C 172 -27.61 11.69 13.60
CA PRO C 172 -26.86 12.94 13.79
C PRO C 172 -25.38 12.83 13.43
N LYS C 173 -24.80 11.63 13.57
CA LYS C 173 -23.38 11.38 13.25
C LYS C 173 -23.23 11.34 11.73
N PHE C 174 -24.12 10.64 11.06
CA PHE C 174 -24.16 10.65 9.60
C PHE C 174 -24.34 12.06 9.06
N GLU C 175 -25.26 12.80 9.69
CA GLU C 175 -25.54 14.18 9.31
C GLU C 175 -24.28 15.05 9.44
N PHE C 176 -23.54 14.84 10.53
CA PHE C 176 -22.25 15.51 10.75
C PHE C 176 -21.16 15.00 9.78
N ALA C 177 -21.00 13.69 9.75
CA ALA C 177 -19.97 13.08 8.93
C ALA C 177 -20.01 13.49 7.46
N VAL C 178 -21.19 13.73 6.91
CA VAL C 178 -21.26 14.13 5.49
C VAL C 178 -20.77 15.58 5.29
N LYS C 179 -21.04 16.44 6.26
CA LYS C 179 -20.58 17.83 6.18
C LYS C 179 -19.09 17.92 6.44
N PHE C 180 -18.62 17.18 7.44
CA PHE C 180 -17.22 17.15 7.80
C PHE C 180 -16.37 16.60 6.67
N ASN C 181 -16.80 15.47 6.10
CA ASN C 181 -16.07 14.87 4.99
C ASN C 181 -16.04 15.76 3.75
N ALA C 182 -17.00 16.67 3.63
CA ALA C 182 -17.00 17.68 2.56
C ALA C 182 -15.86 18.69 2.68
N LEU C 183 -15.29 18.83 3.87
CA LEU C 183 -14.06 19.62 4.06
C LEU C 183 -12.84 19.00 3.37
N GLU C 184 -12.88 17.69 3.10
CA GLU C 184 -11.81 16.97 2.38
C GLU C 184 -10.46 17.05 3.11
N LEU C 185 -10.49 16.84 4.43
CA LEU C 185 -9.27 16.82 5.25
C LEU C 185 -8.57 15.52 5.07
N ASP C 186 -7.28 15.51 5.38
CA ASP C 186 -6.52 14.25 5.43
C ASP C 186 -5.77 14.05 6.75
N ASP C 187 -5.07 12.92 6.87
CA ASP C 187 -4.49 12.51 8.16
C ASP C 187 -3.51 13.50 8.76
N SER C 188 -2.77 14.21 7.92
CA SER C 188 -1.82 15.22 8.40
C SER C 188 -2.58 16.44 8.95
N ASP C 189 -3.70 16.80 8.33
CA ASP C 189 -4.63 17.82 8.89
C ASP C 189 -5.29 17.33 10.17
N LEU C 190 -5.79 16.10 10.13
CA LEU C 190 -6.54 15.52 11.25
C LEU C 190 -5.74 15.36 12.52
N ALA C 191 -4.46 15.06 12.36
CA ALA C 191 -3.53 14.92 13.48
C ALA C 191 -3.48 16.17 14.35
N ILE C 192 -3.23 17.31 13.72
CA ILE C 192 -3.20 18.57 14.47
C ILE C 192 -4.58 18.89 15.07
N PHE C 193 -5.63 18.75 14.26
CA PHE C 193 -7.00 19.10 14.66
C PHE C 193 -7.47 18.33 15.87
N ILE C 194 -7.12 17.06 15.96
CA ILE C 194 -7.42 16.26 17.14
C ILE C 194 -6.81 16.94 18.34
N ALA C 195 -5.52 17.28 18.24
CA ALA C 195 -4.76 17.92 19.33
C ALA C 195 -5.41 19.21 19.79
N VAL C 196 -5.93 19.98 18.83
CA VAL C 196 -6.63 21.20 19.15
C VAL C 196 -7.84 20.90 20.04
N ILE C 197 -8.59 19.84 19.76
CA ILE C 197 -9.82 19.53 20.52
C ILE C 197 -9.49 19.25 21.97
N ILE C 198 -8.43 18.50 22.19
CA ILE C 198 -8.08 18.10 23.55
C ILE C 198 -7.77 19.32 24.39
N LEU C 199 -6.84 20.14 23.92
CA LEU C 199 -6.40 21.32 24.65
C LEU C 199 -7.38 22.47 24.55
N SER C 200 -8.54 22.33 25.21
CA SER C 200 -9.52 23.40 25.25
C SER C 200 -9.60 24.02 26.65
N GLY C 201 -9.52 25.35 26.70
CA GLY C 201 -9.65 26.12 27.95
C GLY C 201 -11.08 26.41 28.38
N ASP C 202 -12.06 25.84 27.67
CA ASP C 202 -13.48 25.93 28.00
C ASP C 202 -14.02 24.73 28.76
N ARG C 203 -13.17 23.71 28.98
CA ARG C 203 -13.63 22.52 29.69
C ARG C 203 -13.93 22.95 31.12
N PRO C 204 -15.09 22.54 31.65
CA PRO C 204 -15.38 22.91 33.03
C PRO C 204 -14.60 22.03 34.03
N GLY C 205 -14.22 22.64 35.15
CA GLY C 205 -13.43 21.98 36.19
C GLY C 205 -11.93 22.11 36.01
N LEU C 206 -11.49 23.01 35.12
CA LEU C 206 -10.06 23.22 34.84
C LEU C 206 -9.52 24.34 35.73
N LEU C 207 -8.47 23.98 36.48
CA LEU C 207 -7.81 24.91 37.39
C LEU C 207 -7.00 25.95 36.63
N ASN C 208 -6.06 25.46 35.83
CA ASN C 208 -5.07 26.30 35.17
C ASN C 208 -5.27 26.32 33.65
N VAL C 209 -6.05 27.31 33.23
CA VAL C 209 -6.38 27.56 31.83
C VAL C 209 -5.21 28.15 31.01
N LYS C 210 -4.42 29.03 31.64
CA LYS C 210 -3.28 29.69 30.98
C LYS C 210 -2.29 28.73 30.28
N PRO C 211 -1.73 27.74 31.02
CA PRO C 211 -0.78 26.84 30.37
C PRO C 211 -1.35 26.16 29.13
N ILE C 212 -2.63 25.75 29.23
CA ILE C 212 -3.35 25.02 28.19
C ILE C 212 -3.63 25.92 26.99
N GLU C 213 -4.27 27.06 27.23
CA GLU C 213 -4.55 28.03 26.17
C GLU C 213 -3.32 28.44 25.36
N ASP C 214 -2.17 28.45 26.03
CA ASP C 214 -0.89 28.72 25.37
C ASP C 214 -0.47 27.58 24.44
N ILE C 215 -0.70 26.32 24.84
CA ILE C 215 -0.44 25.18 23.96
C ILE C 215 -1.44 25.17 22.80
N GLN C 216 -2.73 25.26 23.12
CA GLN C 216 -3.77 25.32 22.11
C GLN C 216 -3.46 26.38 21.09
N ASP C 217 -3.06 27.56 21.56
CA ASP C 217 -2.70 28.67 20.67
C ASP C 217 -1.60 28.19 19.71
N ASN C 218 -0.57 27.55 20.25
CA ASN C 218 0.53 27.00 19.47
C ASN C 218 0.03 26.04 18.38
N LEU C 219 -0.88 25.14 18.74
CA LEU C 219 -1.46 24.19 17.77
C LEU C 219 -2.38 24.81 16.75
N LEU C 220 -3.19 25.78 17.17
CA LEU C 220 -4.00 26.55 16.23
C LEU C 220 -3.14 27.22 15.19
N GLN C 221 -1.96 27.70 15.59
CA GLN C 221 -1.01 28.30 14.64
C GLN C 221 -0.51 27.23 13.71
N ALA C 222 -0.08 26.11 14.28
CA ALA C 222 0.38 24.95 13.52
C ALA C 222 -0.68 24.48 12.50
N LEU C 223 -1.90 24.27 12.99
CA LEU C 223 -3.07 23.89 12.16
C LEU C 223 -3.36 24.90 11.08
N GLU C 224 -3.41 26.18 11.44
CA GLU C 224 -3.74 27.24 10.47
C GLU C 224 -2.81 27.18 9.25
N LEU C 225 -1.51 27.00 9.52
CA LEU C 225 -0.49 26.92 8.48
C LEU C 225 -0.60 25.65 7.69
N GLN C 226 -0.72 24.53 8.42
CA GLN C 226 -0.95 23.21 7.81
C GLN C 226 -2.09 23.24 6.80
N LEU C 227 -3.20 23.92 7.15
CA LEU C 227 -4.32 24.02 6.24
C LEU C 227 -3.99 24.97 5.10
N LYS C 228 -3.26 26.04 5.39
CA LYS C 228 -2.80 26.95 4.34
C LYS C 228 -1.95 26.22 3.29
N LEU C 229 -1.01 25.41 3.77
CA LEU C 229 -0.11 24.62 2.90
C LEU C 229 -0.82 23.49 2.16
N ASN C 230 -1.75 22.84 2.85
CA ASN C 230 -2.40 21.64 2.32
C ASN C 230 -3.65 21.93 1.45
N HIS C 231 -4.33 23.07 1.61
CA HIS C 231 -5.62 23.29 0.92
C HIS C 231 -5.72 24.68 0.35
N PRO C 232 -4.92 24.97 -0.68
CA PRO C 232 -4.86 26.32 -1.20
C PRO C 232 -6.20 26.85 -1.69
N GLU C 233 -7.03 25.99 -2.27
CA GLU C 233 -8.31 26.44 -2.77
C GLU C 233 -9.24 26.86 -1.61
N SER C 234 -9.47 25.96 -0.64
CA SER C 234 -10.37 26.28 0.46
C SER C 234 -9.76 27.31 1.42
N SER C 235 -10.06 28.58 1.13
CA SER C 235 -9.83 29.68 2.04
C SER C 235 -10.87 29.62 3.14
N GLN C 236 -10.51 30.07 4.34
CA GLN C 236 -11.38 29.95 5.52
C GLN C 236 -11.76 28.52 5.89
N LEU C 237 -10.93 27.56 5.47
CA LEU C 237 -11.13 26.19 5.88
C LEU C 237 -10.82 26.10 7.36
N PHE C 238 -9.80 26.84 7.79
CA PHE C 238 -9.46 26.95 9.20
C PHE C 238 -10.68 27.33 10.00
N ALA C 239 -11.39 28.36 9.55
CA ALA C 239 -12.61 28.83 10.19
C ALA C 239 -13.69 27.77 10.11
N LYS C 240 -14.01 27.34 8.90
CA LYS C 240 -15.05 26.30 8.69
C LYS C 240 -14.82 25.05 9.56
N LEU C 241 -13.55 24.65 9.70
CA LEU C 241 -13.18 23.47 10.47
C LEU C 241 -13.37 23.70 11.97
N LEU C 242 -13.04 24.91 12.43
CA LEU C 242 -13.26 25.27 13.82
C LEU C 242 -14.73 25.27 14.21
N GLN C 243 -15.61 25.67 13.32
CA GLN C 243 -17.04 25.59 13.60
C GLN C 243 -17.56 24.19 13.76
N LYS C 244 -16.89 23.23 13.13
CA LYS C 244 -17.27 21.84 13.28
C LYS C 244 -17.07 21.36 14.70
N MET C 245 -16.27 22.06 15.48
CA MET C 245 -16.14 21.72 16.89
C MET C 245 -17.46 21.88 17.65
N THR C 246 -18.23 22.88 17.25
CA THR C 246 -19.58 23.08 17.72
C THR C 246 -20.41 21.81 17.51
N ASP C 247 -20.51 21.40 16.25
CA ASP C 247 -21.30 20.22 15.88
C ASP C 247 -20.88 18.99 16.70
N LEU C 248 -19.58 18.77 16.87
CA LEU C 248 -19.06 17.67 17.71
C LEU C 248 -19.60 17.68 19.13
N ARG C 249 -19.64 18.85 19.74
CA ARG C 249 -20.14 18.97 21.11
C ARG C 249 -21.60 18.56 21.18
N GLN C 250 -22.37 19.12 20.25
CA GLN C 250 -23.79 18.83 20.16
C GLN C 250 -24.05 17.34 19.95
N ILE C 251 -23.26 16.70 19.07
CA ILE C 251 -23.30 15.23 18.92
C ILE C 251 -23.11 14.57 20.30
N VAL C 252 -22.08 15.00 21.03
CA VAL C 252 -21.73 14.38 22.32
C VAL C 252 -22.75 14.64 23.41
N THR C 253 -23.29 15.87 23.48
CA THR C 253 -24.33 16.18 24.46
C THR C 253 -25.56 15.30 24.22
N GLU C 254 -26.04 15.27 22.97
CA GLU C 254 -27.14 14.37 22.55
C GLU C 254 -26.89 12.88 22.78
N HIS C 255 -25.64 12.47 22.67
CA HIS C 255 -25.23 11.09 22.90
C HIS C 255 -25.44 10.72 24.37
N VAL C 256 -24.90 11.54 25.28
CA VAL C 256 -25.04 11.31 26.74
C VAL C 256 -26.51 11.25 27.14
N GLN C 257 -27.30 12.17 26.61
CA GLN C 257 -28.71 12.27 26.95
C GLN C 257 -29.50 11.07 26.47
N LEU C 258 -29.08 10.48 25.37
CA LEU C 258 -29.68 9.24 24.90
C LEU C 258 -29.23 8.05 25.74
N LEU C 259 -27.98 8.06 26.20
CA LEU C 259 -27.49 7.05 27.16
C LEU C 259 -28.24 7.08 28.48
N GLN C 260 -28.71 8.27 28.88
CA GLN C 260 -29.66 8.39 30.00
C GLN C 260 -30.91 7.59 29.74
N VAL C 261 -31.51 7.80 28.56
CA VAL C 261 -32.73 7.08 28.15
C VAL C 261 -32.48 5.57 28.19
N ILE C 262 -31.33 5.14 27.69
CA ILE C 262 -30.96 3.72 27.71
C ILE C 262 -30.83 3.16 29.14
N LYS C 263 -30.21 3.94 30.04
CA LYS C 263 -30.08 3.55 31.46
C LYS C 263 -31.44 3.31 32.15
N LYS C 264 -32.43 4.13 31.82
CA LYS C 264 -33.81 3.99 32.35
C LYS C 264 -34.60 2.92 31.58
N THR C 265 -34.57 2.98 30.25
CA THR C 265 -35.44 2.15 29.40
C THR C 265 -35.01 0.70 29.20
N GLU C 266 -33.71 0.39 29.37
CA GLU C 266 -33.18 -0.95 29.09
C GLU C 266 -32.28 -1.50 30.20
N THR C 267 -32.70 -2.63 30.78
CA THR C 267 -31.92 -3.37 31.80
C THR C 267 -30.88 -4.27 31.14
N ASP C 268 -31.21 -4.82 29.98
CA ASP C 268 -30.29 -5.66 29.17
C ASP C 268 -28.93 -5.02 28.92
N MET C 269 -28.91 -3.69 28.77
CA MET C 269 -27.68 -2.94 28.55
C MET C 269 -26.80 -2.88 29.80
N SER C 270 -25.51 -3.15 29.60
CA SER C 270 -24.49 -2.95 30.59
C SER C 270 -23.51 -1.99 29.95
N LEU C 271 -23.16 -0.93 30.66
CA LEU C 271 -22.22 0.05 30.15
C LEU C 271 -20.87 -0.25 30.77
N HIS C 272 -19.87 -0.45 29.90
CA HIS C 272 -18.49 -0.75 30.31
C HIS C 272 -17.99 0.27 31.35
N PRO C 273 -17.25 -0.19 32.39
CA PRO C 273 -16.83 0.70 33.51
C PRO C 273 -16.19 2.02 33.11
N LEU C 274 -15.32 1.97 32.10
CA LEU C 274 -14.72 3.17 31.51
C LEU C 274 -15.72 4.16 30.90
N LEU C 275 -16.72 3.67 30.16
CA LEU C 275 -17.77 4.57 29.65
C LEU C 275 -18.52 5.23 30.78
N GLN C 276 -18.99 4.41 31.72
CA GLN C 276 -19.67 4.89 32.93
C GLN C 276 -18.83 5.94 33.66
N GLU C 277 -17.55 5.63 33.86
CA GLU C 277 -16.62 6.54 34.51
C GLU C 277 -16.48 7.89 33.78
N ILE C 278 -16.41 7.84 32.45
CA ILE C 278 -16.37 9.06 31.63
C ILE C 278 -17.69 9.82 31.68
N TYR C 279 -18.81 9.11 31.57
CA TYR C 279 -20.11 9.80 31.59
C TYR C 279 -20.56 10.29 32.97
N LYS C 280 -19.96 9.76 34.04
CA LYS C 280 -20.31 10.13 35.42
C LYS C 280 -20.11 11.63 35.64
N ASP C 281 -21.19 12.32 36.01
CA ASP C 281 -21.16 13.78 36.25
C ASP C 281 -20.68 14.58 35.03
N LEU C 282 -21.17 14.20 33.84
CA LEU C 282 -20.79 14.85 32.57
C LEU C 282 -22.00 15.52 31.90
N TYR C 283 -21.96 16.85 31.80
CA TYR C 283 -23.01 17.63 31.11
C TYR C 283 -24.43 17.26 31.54
N HIS D 3 -12.60 9.13 39.01
CA HIS D 3 -11.83 9.26 37.72
C HIS D 3 -10.54 8.40 37.67
N LYS D 4 -10.54 7.23 38.30
CA LYS D 4 -9.30 6.44 38.50
C LYS D 4 -8.83 5.65 37.27
N ILE D 5 -9.78 5.20 36.45
CA ILE D 5 -9.44 4.52 35.20
C ILE D 5 -8.82 5.54 34.22
N LEU D 6 -9.35 6.77 34.23
CA LEU D 6 -8.79 7.87 33.42
C LEU D 6 -7.34 8.15 33.81
N HIS D 7 -7.11 8.32 35.13
CA HIS D 7 -5.76 8.54 35.71
C HIS D 7 -4.80 7.50 35.16
N ARG D 8 -5.18 6.23 35.31
CA ARG D 8 -4.27 5.12 35.08
C ARG D 8 -3.67 5.15 33.69
N LEU D 9 -4.52 5.39 32.71
CA LEU D 9 -4.08 5.47 31.34
C LEU D 9 -3.16 6.66 31.14
N LEU D 10 -3.46 7.80 31.75
CA LEU D 10 -2.55 8.96 31.74
C LEU D 10 -1.25 8.79 32.55
N GLN D 11 -1.05 7.64 33.19
CA GLN D 11 -0.09 7.51 34.30
C GLN D 11 1.38 7.78 33.94
N GLU D 12 1.85 7.22 32.82
CA GLU D 12 3.26 7.29 32.37
C GLU D 12 4.30 7.47 33.49
#